data_2QQF
#
_entry.id   2QQF
#
_cell.length_a   105.940
_cell.length_b   105.940
_cell.length_c   67.100
_cell.angle_alpha   90.00
_cell.angle_beta   90.00
_cell.angle_gamma   120.00
#
_symmetry.space_group_name_H-M   'P 32 2 1'
#
loop_
_entity.id
_entity.type
_entity.pdbx_description
1 polymer 'NAD-dependent deacetylase HST2'
2 polymer 'Histone H4'
3 non-polymer 'ZINC ION'
4 non-polymer "5'-O-[(S)-{[(S)-{[(2R,3R,4S)-3,4-DIHYDROXYPYRROLIDIN-2-YL]METHOXY}(HYDROXY)PHOSPHORYL]OXY}(HYDROXY)PHOSPHORYL]ADENOSINE"
5 water water
#
loop_
_entity_poly.entity_id
_entity_poly.type
_entity_poly.pdbx_seq_one_letter_code
_entity_poly.pdbx_strand_id
1 'polypeptide(L)'
;MRGSHHHHHHGMASMSVSTASTEMSVRKIAAHMKSNPNAKVIFMVGAGISTSCGIPDFRSPGTGLYHNLARLKLPYPEAV
FDVDFFQSDPLPFYTLAKELYPGNFRPSKFHYLLKLFQDKDVLKRVYTQNIDTLERQAGVKDDLIIEAHGSFAHCHCIGC
GKVYPPQVFKSKLAEHPIKDFVKCDVCGELVKPAIVFFGEDLPDSFSETWLNDSEWLREKITTSGKHPQQPLVIVVGTSL
AVYPFASLPEEIPRKVKRVLCNLETVGDFKANKRPTDLIVHQYSDEFAEQLVEELGWQEDFEKILTAQ
;
A
2 'polypeptide(L)' KGGA(ALY)RHRKIL B
#
# COMPACT_ATOMS: atom_id res chain seq x y z
N MET A 12 -1.85 15.33 -11.73
CA MET A 12 -1.02 15.33 -10.49
C MET A 12 -1.27 16.54 -9.60
N ALA A 13 -1.70 17.66 -10.20
CA ALA A 13 -1.98 18.89 -9.47
C ALA A 13 -2.81 18.64 -8.22
N SER A 14 -2.42 19.23 -7.09
CA SER A 14 -3.17 19.04 -5.86
C SER A 14 -3.49 20.36 -5.16
N MET A 15 -4.19 20.26 -4.04
CA MET A 15 -4.54 21.44 -3.26
C MET A 15 -4.77 21.01 -1.82
N SER A 16 -4.65 21.96 -0.89
CA SER A 16 -4.84 21.70 0.52
C SER A 16 -6.24 21.11 0.74
N VAL A 17 -6.45 20.50 1.90
CA VAL A 17 -7.72 19.87 2.22
C VAL A 17 -8.67 20.75 3.06
N SER A 18 -8.12 21.82 3.61
CA SER A 18 -8.91 22.76 4.41
C SER A 18 -8.16 24.07 4.21
N THR A 19 -8.69 25.17 4.73
CA THR A 19 -8.02 26.45 4.59
C THR A 19 -6.81 26.46 5.50
N ALA A 20 -6.86 25.60 6.52
CA ALA A 20 -5.78 25.48 7.49
C ALA A 20 -4.49 25.03 6.81
N SER A 21 -3.40 25.77 7.05
CA SER A 21 -2.12 25.42 6.46
C SER A 21 -1.46 24.32 7.28
N THR A 22 -0.75 23.42 6.60
CA THR A 22 -0.06 22.32 7.26
C THR A 22 1.44 22.38 6.98
N GLU A 23 1.88 23.46 6.35
CA GLU A 23 3.29 23.63 6.01
C GLU A 23 4.22 23.64 7.22
N MET A 24 3.77 24.25 8.31
CA MET A 24 4.60 24.32 9.51
C MET A 24 4.82 22.92 10.08
N SER A 25 3.75 22.13 10.15
CA SER A 25 3.87 20.77 10.66
C SER A 25 4.79 19.97 9.75
N VAL A 26 4.65 20.16 8.44
CA VAL A 26 5.49 19.47 7.48
C VAL A 26 6.92 19.96 7.59
N ARG A 27 7.07 21.23 7.97
CA ARG A 27 8.38 21.87 8.15
C ARG A 27 9.17 21.10 9.20
N LYS A 28 8.50 20.72 10.28
CA LYS A 28 9.13 19.96 11.36
C LYS A 28 9.72 18.66 10.87
N ILE A 29 9.00 17.99 9.98
CA ILE A 29 9.46 16.73 9.41
C ILE A 29 10.81 16.95 8.72
N ALA A 30 10.89 18.00 7.90
CA ALA A 30 12.13 18.32 7.20
C ALA A 30 13.21 18.72 8.21
N ALA A 31 12.78 19.39 9.28
CA ALA A 31 13.70 19.82 10.31
C ALA A 31 14.34 18.59 10.94
N HIS A 32 13.52 17.62 11.30
CA HIS A 32 14.02 16.39 11.91
C HIS A 32 14.98 15.65 10.99
N MET A 33 14.74 15.72 9.68
CA MET A 33 15.60 15.05 8.71
C MET A 33 16.92 15.80 8.55
N LYS A 34 16.88 17.12 8.63
CA LYS A 34 18.09 17.95 8.52
C LYS A 34 18.99 17.73 9.73
N SER A 35 18.37 17.60 10.91
CA SER A 35 19.11 17.38 12.15
C SER A 35 19.80 16.02 12.12
N ASN A 36 19.07 15.00 11.68
CA ASN A 36 19.58 13.64 11.59
C ASN A 36 19.80 13.29 10.11
N PRO A 37 20.86 13.84 9.48
CA PRO A 37 21.16 13.57 8.07
C PRO A 37 21.44 12.12 7.66
N ASN A 38 22.11 11.37 8.53
CA ASN A 38 22.45 9.98 8.25
C ASN A 38 21.33 9.00 8.61
N ALA A 39 20.13 9.52 8.82
CA ALA A 39 19.01 8.67 9.17
C ALA A 39 18.18 8.32 7.94
N LYS A 40 17.31 7.33 8.10
CA LYS A 40 16.44 6.88 7.01
C LYS A 40 15.01 6.82 7.52
N VAL A 41 14.06 6.75 6.59
CA VAL A 41 12.64 6.72 6.93
C VAL A 41 11.97 5.39 6.58
N ILE A 42 10.98 5.02 7.37
CA ILE A 42 10.20 3.80 7.14
C ILE A 42 8.76 4.22 6.85
N PHE A 43 8.29 3.97 5.63
CA PHE A 43 6.92 4.31 5.27
C PHE A 43 6.01 3.12 5.48
N MET A 44 4.76 3.43 5.78
CA MET A 44 3.71 2.43 5.96
C MET A 44 2.52 3.11 5.30
N VAL A 45 2.08 2.61 4.16
CA VAL A 45 0.97 3.23 3.44
C VAL A 45 -0.22 2.34 3.11
N GLY A 46 -1.28 2.99 2.64
CA GLY A 46 -2.51 2.32 2.26
C GLY A 46 -3.19 2.97 1.06
N ALA A 47 -4.44 2.57 0.81
CA ALA A 47 -5.24 3.05 -0.32
C ALA A 47 -5.32 4.54 -0.55
N GLY A 48 -5.11 5.32 0.50
CA GLY A 48 -5.16 6.76 0.38
C GLY A 48 -4.14 7.30 -0.62
N ILE A 49 -2.93 6.73 -0.63
CA ILE A 49 -1.91 7.22 -1.54
C ILE A 49 -2.13 6.90 -3.02
N SER A 50 -3.15 6.11 -3.34
CA SER A 50 -3.43 5.77 -4.73
C SER A 50 -4.76 6.29 -5.28
N THR A 51 -5.54 7.00 -4.45
CA THR A 51 -6.82 7.52 -4.91
C THR A 51 -6.68 8.51 -6.07
N SER A 52 -5.71 9.41 -5.98
CA SER A 52 -5.52 10.38 -7.03
C SER A 52 -5.10 9.74 -8.36
N CYS A 53 -4.83 8.44 -8.34
CA CYS A 53 -4.43 7.73 -9.56
C CYS A 53 -5.63 7.27 -10.37
N GLY A 54 -6.83 7.44 -9.84
CA GLY A 54 -8.02 7.01 -10.55
C GLY A 54 -8.44 5.57 -10.33
N ILE A 55 -7.77 4.87 -9.42
CA ILE A 55 -8.12 3.50 -9.11
C ILE A 55 -9.50 3.48 -8.45
N PRO A 56 -10.47 2.83 -9.10
CA PRO A 56 -11.84 2.73 -8.60
C PRO A 56 -11.98 1.89 -7.34
N ASP A 57 -12.67 2.43 -6.35
CA ASP A 57 -12.93 1.74 -5.09
C ASP A 57 -14.10 0.78 -5.28
N PHE A 58 -13.84 -0.52 -5.13
CA PHE A 58 -14.87 -1.54 -5.29
C PHE A 58 -15.98 -1.45 -4.21
N ARG A 59 -15.70 -0.73 -3.14
CA ARG A 59 -16.68 -0.56 -2.06
C ARG A 59 -17.55 0.68 -2.28
N SER A 60 -17.25 1.45 -3.32
CA SER A 60 -18.02 2.67 -3.61
C SER A 60 -19.04 2.53 -4.75
N PRO A 61 -20.32 2.83 -4.45
CA PRO A 61 -21.40 2.76 -5.45
C PRO A 61 -21.21 3.73 -6.60
N GLY A 62 -20.15 4.51 -6.55
CA GLY A 62 -19.89 5.47 -7.61
C GLY A 62 -19.12 4.87 -8.76
N THR A 63 -18.29 3.87 -8.48
CA THR A 63 -17.49 3.22 -9.51
C THR A 63 -18.32 2.19 -10.27
N GLY A 64 -17.96 1.97 -11.53
CA GLY A 64 -18.66 1.01 -12.35
C GLY A 64 -18.24 -0.40 -11.93
N LEU A 65 -17.05 -0.50 -11.35
CA LEU A 65 -16.56 -1.78 -10.88
C LEU A 65 -17.54 -2.35 -9.84
N TYR A 66 -17.94 -1.49 -8.90
CA TYR A 66 -18.87 -1.86 -7.86
C TYR A 66 -20.16 -2.44 -8.43
N HIS A 67 -20.70 -1.79 -9.45
CA HIS A 67 -21.94 -2.22 -10.07
C HIS A 67 -21.91 -3.54 -10.85
N ASN A 68 -20.79 -3.85 -11.48
CA ASN A 68 -20.70 -5.11 -12.20
C ASN A 68 -20.64 -6.19 -11.15
N LEU A 69 -20.00 -5.87 -10.04
CA LEU A 69 -19.88 -6.81 -8.94
C LEU A 69 -21.29 -7.05 -8.39
N ALA A 70 -22.01 -5.96 -8.11
CA ALA A 70 -23.36 -6.08 -7.59
C ALA A 70 -24.20 -6.91 -8.54
N ARG A 71 -24.06 -6.68 -9.85
CA ARG A 71 -24.83 -7.44 -10.81
C ARG A 71 -24.45 -8.92 -10.77
N LEU A 72 -23.15 -9.22 -10.76
CA LEU A 72 -22.71 -10.60 -10.71
C LEU A 72 -23.12 -11.30 -9.41
N LYS A 73 -24.00 -10.64 -8.65
CA LYS A 73 -24.52 -11.16 -7.40
C LYS A 73 -23.55 -11.35 -6.24
N LEU A 74 -22.47 -10.57 -6.22
CA LEU A 74 -21.51 -10.65 -5.12
C LEU A 74 -22.32 -10.17 -3.92
N PRO A 75 -22.33 -10.94 -2.83
CA PRO A 75 -23.08 -10.59 -1.61
C PRO A 75 -22.68 -9.28 -0.92
N TYR A 76 -21.41 -8.89 -1.05
CA TYR A 76 -20.88 -7.66 -0.45
C TYR A 76 -19.44 -7.47 -0.91
N PRO A 77 -18.97 -6.21 -0.99
CA PRO A 77 -17.61 -5.90 -1.45
C PRO A 77 -16.45 -6.82 -1.09
N GLU A 78 -16.05 -6.83 0.18
CA GLU A 78 -14.92 -7.65 0.58
C GLU A 78 -14.98 -9.15 0.26
N ALA A 79 -16.12 -9.63 -0.19
CA ALA A 79 -16.24 -11.04 -0.52
C ALA A 79 -15.43 -11.36 -1.79
N VAL A 80 -15.07 -10.33 -2.56
CA VAL A 80 -14.27 -10.58 -3.77
C VAL A 80 -12.86 -11.05 -3.39
N PHE A 81 -12.50 -10.86 -2.12
CA PHE A 81 -11.21 -11.29 -1.60
C PHE A 81 -11.43 -12.33 -0.51
N ASP A 82 -12.45 -13.18 -0.70
CA ASP A 82 -12.78 -14.24 0.25
C ASP A 82 -12.52 -15.61 -0.40
N VAL A 83 -11.67 -16.40 0.23
CA VAL A 83 -11.32 -17.72 -0.30
C VAL A 83 -12.54 -18.58 -0.66
N ASP A 84 -13.41 -18.79 0.31
CA ASP A 84 -14.60 -19.61 0.11
C ASP A 84 -15.50 -19.11 -1.03
N PHE A 85 -15.64 -17.80 -1.16
CA PHE A 85 -16.48 -17.29 -2.24
C PHE A 85 -15.83 -17.48 -3.59
N PHE A 86 -14.55 -17.15 -3.66
CA PHE A 86 -13.80 -17.31 -4.91
C PHE A 86 -14.00 -18.73 -5.45
N GLN A 87 -13.80 -19.72 -4.59
CA GLN A 87 -13.97 -21.11 -5.01
C GLN A 87 -15.38 -21.46 -5.46
N SER A 88 -16.38 -20.83 -4.88
CA SER A 88 -17.76 -21.10 -5.27
C SER A 88 -18.17 -20.32 -6.52
N ASP A 89 -17.50 -19.20 -6.78
CA ASP A 89 -17.77 -18.35 -7.94
C ASP A 89 -16.64 -17.32 -8.13
N PRO A 90 -15.67 -17.62 -9.01
CA PRO A 90 -14.52 -16.76 -9.28
C PRO A 90 -14.71 -15.61 -10.28
N LEU A 91 -15.85 -15.58 -10.97
CA LEU A 91 -16.10 -14.52 -11.95
C LEU A 91 -15.95 -13.12 -11.37
N PRO A 92 -16.53 -12.88 -10.16
CA PRO A 92 -16.41 -11.55 -9.56
C PRO A 92 -14.95 -11.10 -9.43
N PHE A 93 -14.11 -11.93 -8.81
CA PHE A 93 -12.71 -11.60 -8.65
C PHE A 93 -12.02 -11.36 -10.01
N TYR A 94 -12.30 -12.24 -10.97
CA TYR A 94 -11.72 -12.11 -12.31
C TYR A 94 -12.12 -10.78 -12.95
N THR A 95 -13.34 -10.34 -12.66
CA THR A 95 -13.87 -9.08 -13.20
C THR A 95 -13.16 -7.88 -12.57
N LEU A 96 -12.85 -7.97 -11.29
CA LEU A 96 -12.15 -6.90 -10.59
C LEU A 96 -10.68 -6.90 -11.02
N ALA A 97 -10.15 -8.09 -11.29
CA ALA A 97 -8.77 -8.20 -11.71
C ALA A 97 -8.61 -7.48 -13.05
N LYS A 98 -9.56 -7.69 -13.94
CA LYS A 98 -9.51 -7.08 -15.25
C LYS A 98 -9.45 -5.55 -15.16
N GLU A 99 -10.21 -4.99 -14.22
CA GLU A 99 -10.27 -3.55 -14.03
C GLU A 99 -9.11 -2.97 -13.22
N LEU A 100 -8.60 -3.75 -12.27
CA LEU A 100 -7.51 -3.27 -11.42
C LEU A 100 -6.11 -3.78 -11.75
N TYR A 101 -5.96 -4.54 -12.83
CA TYR A 101 -4.64 -5.08 -13.16
C TYR A 101 -3.54 -4.04 -13.27
N PRO A 102 -2.36 -4.34 -12.72
CA PRO A 102 -1.18 -3.47 -12.73
C PRO A 102 -0.81 -3.04 -14.16
N GLY A 103 -0.61 -1.74 -14.35
CA GLY A 103 -0.27 -1.25 -15.67
C GLY A 103 -1.39 -0.44 -16.28
N ASN A 104 -2.58 -0.57 -15.71
CA ASN A 104 -3.75 0.17 -16.18
C ASN A 104 -3.75 1.59 -15.62
N PHE A 105 -2.88 1.85 -14.65
CA PHE A 105 -2.79 3.18 -14.03
C PHE A 105 -1.35 3.69 -13.97
N ARG A 106 -1.19 4.94 -13.56
CA ARG A 106 0.13 5.54 -13.44
C ARG A 106 0.38 6.01 -12.01
N PRO A 107 1.65 6.07 -11.58
CA PRO A 107 2.04 6.50 -10.24
C PRO A 107 1.68 7.94 -9.87
N SER A 108 1.33 8.14 -8.61
CA SER A 108 0.99 9.48 -8.15
C SER A 108 2.27 10.19 -7.71
N LYS A 109 2.13 11.48 -7.44
CA LYS A 109 3.25 12.30 -7.01
C LYS A 109 3.83 11.75 -5.69
N PHE A 110 2.97 11.25 -4.82
CA PHE A 110 3.45 10.69 -3.56
C PHE A 110 4.31 9.46 -3.84
N HIS A 111 3.88 8.64 -4.81
CA HIS A 111 4.63 7.43 -5.17
C HIS A 111 6.05 7.80 -5.58
N TYR A 112 6.18 8.86 -6.37
CA TYR A 112 7.48 9.33 -6.83
C TYR A 112 8.32 9.91 -5.68
N LEU A 113 7.63 10.37 -4.63
CA LEU A 113 8.31 10.93 -3.46
C LEU A 113 9.13 9.80 -2.84
N LEU A 114 8.59 8.59 -2.87
CA LEU A 114 9.27 7.42 -2.35
C LEU A 114 10.53 7.22 -3.20
N LYS A 115 10.39 7.37 -4.51
CA LYS A 115 11.52 7.20 -5.43
C LYS A 115 12.63 8.22 -5.13
N LEU A 116 12.22 9.47 -4.88
CA LEU A 116 13.15 10.53 -4.56
C LEU A 116 13.94 10.14 -3.32
N PHE A 117 13.23 9.68 -2.30
CA PHE A 117 13.86 9.26 -1.05
C PHE A 117 14.86 8.13 -1.26
N GLN A 118 14.55 7.25 -2.21
CA GLN A 118 15.44 6.15 -2.51
C GLN A 118 16.69 6.69 -3.18
N ASP A 119 16.53 7.75 -3.96
CA ASP A 119 17.65 8.37 -4.64
C ASP A 119 18.52 9.12 -3.63
N LYS A 120 17.88 9.73 -2.63
CA LYS A 120 18.61 10.47 -1.61
C LYS A 120 19.08 9.53 -0.50
N ASP A 121 18.98 8.24 -0.75
CA ASP A 121 19.40 7.22 0.20
C ASP A 121 18.83 7.41 1.61
N VAL A 122 17.61 7.95 1.70
CA VAL A 122 16.99 8.14 3.01
C VAL A 122 15.77 7.25 3.17
N LEU A 123 15.65 6.23 2.31
CA LEU A 123 14.53 5.30 2.38
C LEU A 123 15.01 3.94 2.91
N LYS A 124 14.49 3.55 4.06
CA LYS A 124 14.85 2.28 4.67
C LYS A 124 13.90 1.17 4.24
N ARG A 125 12.62 1.51 4.07
CA ARG A 125 11.64 0.53 3.67
C ARG A 125 10.27 1.19 3.50
N VAL A 126 9.43 0.57 2.69
CA VAL A 126 8.07 1.06 2.48
C VAL A 126 7.12 -0.13 2.57
N TYR A 127 6.32 -0.18 3.63
CA TYR A 127 5.35 -1.25 3.82
C TYR A 127 4.03 -0.78 3.24
N THR A 128 3.61 -1.44 2.17
CA THR A 128 2.36 -1.08 1.52
C THR A 128 1.31 -2.18 1.64
N GLN A 129 0.08 -1.79 1.94
CA GLN A 129 -0.96 -2.78 2.00
C GLN A 129 -1.76 -2.76 0.70
N ASN A 130 -1.38 -1.89 -0.23
CA ASN A 130 -2.05 -1.79 -1.53
C ASN A 130 -1.57 -2.91 -2.44
N ILE A 131 -2.39 -3.28 -3.42
CA ILE A 131 -2.02 -4.36 -4.33
C ILE A 131 -1.80 -3.87 -5.75
N ASP A 132 -1.86 -2.56 -5.95
CA ASP A 132 -1.67 -1.99 -7.27
C ASP A 132 -0.21 -1.96 -7.72
N THR A 133 0.69 -2.22 -6.77
CA THR A 133 2.13 -2.24 -7.01
C THR A 133 2.67 -0.98 -7.72
N LEU A 134 2.18 0.18 -7.31
CA LEU A 134 2.61 1.44 -7.89
C LEU A 134 3.96 1.92 -7.37
N GLU A 135 4.38 1.40 -6.21
CA GLU A 135 5.67 1.77 -5.65
C GLU A 135 6.74 1.20 -6.59
N ARG A 136 6.64 -0.10 -6.84
CA ARG A 136 7.58 -0.77 -7.72
C ARG A 136 7.54 -0.13 -9.11
N GLN A 137 6.34 0.03 -9.63
CA GLN A 137 6.15 0.61 -10.96
C GLN A 137 6.74 2.02 -11.05
N ALA A 138 6.85 2.70 -9.91
CA ALA A 138 7.40 4.05 -9.88
C ALA A 138 8.93 4.04 -9.69
N GLY A 139 9.52 2.85 -9.65
CA GLY A 139 10.96 2.75 -9.49
C GLY A 139 11.55 2.35 -8.15
N VAL A 140 10.72 2.19 -7.12
CA VAL A 140 11.25 1.80 -5.82
C VAL A 140 11.77 0.37 -5.98
N LYS A 141 13.01 0.14 -5.56
CA LYS A 141 13.64 -1.18 -5.69
C LYS A 141 12.96 -2.28 -4.88
N ASP A 142 13.01 -3.50 -5.40
CA ASP A 142 12.42 -4.66 -4.76
C ASP A 142 12.86 -4.85 -3.30
N ASP A 143 14.16 -4.72 -3.07
CA ASP A 143 14.70 -4.88 -1.74
C ASP A 143 13.99 -4.01 -0.71
N LEU A 144 13.68 -2.77 -1.09
CA LEU A 144 13.02 -1.81 -0.20
C LEU A 144 11.49 -1.89 -0.08
N ILE A 145 10.86 -2.82 -0.79
CA ILE A 145 9.40 -2.95 -0.78
C ILE A 145 8.82 -4.16 -0.03
N ILE A 146 7.71 -3.95 0.67
CA ILE A 146 7.04 -5.03 1.38
C ILE A 146 5.56 -4.91 1.02
N GLU A 147 5.15 -5.73 0.05
CA GLU A 147 3.77 -5.77 -0.40
C GLU A 147 3.07 -6.82 0.47
N ALA A 148 2.70 -6.40 1.67
CA ALA A 148 2.06 -7.25 2.67
C ALA A 148 0.81 -8.03 2.26
N HIS A 149 0.09 -7.54 1.26
CA HIS A 149 -1.11 -8.22 0.80
C HIS A 149 -0.93 -8.88 -0.58
N GLY A 150 0.33 -9.06 -0.96
CA GLY A 150 0.68 -9.69 -2.21
C GLY A 150 0.49 -8.83 -3.45
N SER A 151 0.53 -9.47 -4.61
CA SER A 151 0.36 -8.77 -5.88
C SER A 151 -0.06 -9.74 -6.96
N PHE A 152 -0.10 -9.25 -8.19
CA PHE A 152 -0.47 -10.07 -9.32
C PHE A 152 0.81 -10.60 -9.99
N ALA A 153 1.96 -10.15 -9.50
CA ALA A 153 3.24 -10.57 -10.06
C ALA A 153 3.48 -12.07 -9.99
N HIS A 154 2.77 -12.75 -9.10
CA HIS A 154 2.92 -14.19 -8.97
C HIS A 154 1.55 -14.84 -8.91
N CYS A 155 1.49 -16.13 -9.22
CA CYS A 155 0.25 -16.90 -9.21
C CYS A 155 0.55 -18.29 -8.70
N HIS A 156 -0.41 -18.89 -8.00
CA HIS A 156 -0.24 -20.24 -7.48
C HIS A 156 -1.58 -20.96 -7.34
N CYS A 157 -1.53 -22.29 -7.27
CA CYS A 157 -2.73 -23.09 -7.12
C CYS A 157 -3.17 -22.99 -5.66
N ILE A 158 -4.45 -22.77 -5.42
CA ILE A 158 -4.94 -22.65 -4.04
C ILE A 158 -5.04 -24.02 -3.36
N GLY A 159 -4.79 -25.07 -4.13
CA GLY A 159 -4.86 -26.42 -3.61
C GLY A 159 -3.51 -27.10 -3.35
N CYS A 160 -2.66 -27.19 -4.38
CA CYS A 160 -1.35 -27.84 -4.21
C CYS A 160 -0.17 -26.86 -4.11
N GLY A 161 -0.41 -25.60 -4.47
CA GLY A 161 0.65 -24.61 -4.38
C GLY A 161 1.57 -24.49 -5.57
N LYS A 162 1.37 -25.30 -6.60
CA LYS A 162 2.23 -25.22 -7.78
C LYS A 162 2.29 -23.75 -8.24
N VAL A 163 3.44 -23.38 -8.81
CA VAL A 163 3.65 -22.01 -9.29
C VAL A 163 3.22 -21.85 -10.74
N TYR A 164 2.64 -20.70 -11.06
CA TYR A 164 2.19 -20.40 -12.41
C TYR A 164 2.65 -19.02 -12.87
N PRO A 165 3.06 -18.91 -14.14
CA PRO A 165 3.51 -17.61 -14.63
C PRO A 165 2.30 -16.66 -14.55
N PRO A 166 2.52 -15.41 -14.09
CA PRO A 166 1.43 -14.43 -13.97
C PRO A 166 0.64 -14.21 -15.26
N GLN A 167 1.27 -14.50 -16.39
CA GLN A 167 0.65 -14.32 -17.68
C GLN A 167 -0.55 -15.23 -17.93
N VAL A 168 -0.47 -16.49 -17.53
CA VAL A 168 -1.59 -17.39 -17.77
C VAL A 168 -2.91 -16.81 -17.21
N PHE A 169 -2.85 -16.22 -16.02
CA PHE A 169 -4.05 -15.62 -15.43
C PHE A 169 -4.47 -14.38 -16.22
N LYS A 170 -3.50 -13.54 -16.56
CA LYS A 170 -3.78 -12.33 -17.28
C LYS A 170 -4.38 -12.51 -18.68
N SER A 171 -3.98 -13.55 -19.39
CA SER A 171 -4.51 -13.77 -20.74
C SER A 171 -6.00 -14.10 -20.68
N LYS A 172 -6.45 -14.63 -19.55
CA LYS A 172 -7.84 -14.99 -19.41
C LYS A 172 -8.73 -13.77 -19.15
N LEU A 173 -8.12 -12.62 -18.90
CA LEU A 173 -8.89 -11.42 -18.60
C LEU A 173 -9.44 -10.64 -19.79
N ALA A 174 -8.90 -10.87 -20.97
CA ALA A 174 -9.39 -10.16 -22.14
C ALA A 174 -10.52 -10.83 -22.89
N GLU A 175 -10.85 -12.07 -22.54
CA GLU A 175 -11.89 -12.79 -23.25
C GLU A 175 -13.30 -12.29 -22.93
N HIS A 176 -14.11 -12.17 -23.98
CA HIS A 176 -15.49 -11.71 -23.85
C HIS A 176 -16.45 -12.85 -24.23
N PRO A 177 -17.17 -13.38 -23.23
CA PRO A 177 -17.08 -12.97 -21.82
C PRO A 177 -15.96 -13.73 -21.14
N ILE A 178 -15.73 -13.46 -19.87
CA ILE A 178 -14.70 -14.18 -19.14
C ILE A 178 -15.35 -15.49 -18.67
N LYS A 179 -14.76 -16.61 -19.05
CA LYS A 179 -15.29 -17.92 -18.64
C LYS A 179 -14.24 -19.00 -18.79
N ASP A 180 -14.44 -20.11 -18.08
CA ASP A 180 -13.47 -21.20 -18.11
C ASP A 180 -12.20 -20.56 -17.53
N PHE A 181 -12.04 -20.72 -16.22
CA PHE A 181 -10.93 -20.13 -15.48
C PHE A 181 -9.70 -21.03 -15.37
N VAL A 182 -8.59 -20.47 -14.90
CA VAL A 182 -7.35 -21.22 -14.78
C VAL A 182 -7.35 -22.28 -13.66
N LYS A 183 -7.42 -23.54 -14.07
CA LYS A 183 -7.43 -24.66 -13.13
C LYS A 183 -6.02 -25.28 -13.11
N CYS A 184 -5.58 -25.71 -11.94
CA CYS A 184 -4.27 -26.33 -11.79
C CYS A 184 -4.22 -27.63 -12.60
N ASP A 185 -3.15 -27.84 -13.35
CA ASP A 185 -3.05 -29.06 -14.14
C ASP A 185 -2.37 -30.19 -13.36
N VAL A 186 -2.40 -30.10 -12.04
CA VAL A 186 -1.82 -31.12 -11.19
C VAL A 186 -2.90 -31.68 -10.28
N CYS A 187 -3.61 -30.80 -9.58
CA CYS A 187 -4.68 -31.23 -8.68
C CYS A 187 -6.07 -30.79 -9.12
N GLY A 188 -6.13 -29.85 -10.06
CA GLY A 188 -7.41 -29.40 -10.57
C GLY A 188 -8.08 -28.23 -9.88
N GLU A 189 -7.48 -27.71 -8.81
CA GLU A 189 -8.09 -26.58 -8.12
C GLU A 189 -7.80 -25.27 -8.84
N LEU A 190 -8.54 -24.22 -8.46
CA LEU A 190 -8.39 -22.90 -9.05
C LEU A 190 -7.03 -22.27 -8.76
N VAL A 191 -6.47 -21.62 -9.78
CA VAL A 191 -5.19 -20.94 -9.67
C VAL A 191 -5.53 -19.46 -9.48
N LYS A 192 -4.88 -18.79 -8.54
CA LYS A 192 -5.14 -17.37 -8.33
C LYS A 192 -3.88 -16.55 -8.13
N PRO A 193 -3.95 -15.24 -8.35
CA PRO A 193 -2.83 -14.30 -8.19
C PRO A 193 -2.36 -14.30 -6.75
N ALA A 194 -1.07 -14.03 -6.54
CA ALA A 194 -0.50 -14.01 -5.20
C ALA A 194 -1.02 -12.86 -4.32
N ILE A 195 -2.32 -12.59 -4.42
CA ILE A 195 -2.98 -11.55 -3.63
C ILE A 195 -3.45 -12.22 -2.35
N VAL A 196 -3.15 -11.63 -1.19
CA VAL A 196 -3.57 -12.22 0.07
C VAL A 196 -5.06 -11.92 0.33
N PHE A 197 -5.82 -12.97 0.59
CA PHE A 197 -7.26 -12.86 0.86
C PHE A 197 -7.59 -12.90 2.35
N PHE A 198 -8.74 -12.37 2.73
CA PHE A 198 -9.15 -12.40 4.13
C PHE A 198 -9.21 -13.86 4.55
N GLY A 199 -8.62 -14.17 5.69
CA GLY A 199 -8.62 -15.55 6.14
C GLY A 199 -7.30 -16.21 5.79
N GLU A 200 -6.53 -15.57 4.92
CA GLU A 200 -5.23 -16.11 4.53
C GLU A 200 -4.16 -15.39 5.33
N ASP A 201 -2.97 -15.98 5.38
CA ASP A 201 -1.87 -15.35 6.10
C ASP A 201 -1.05 -14.52 5.11
N LEU A 202 -0.22 -13.63 5.63
CA LEU A 202 0.62 -12.80 4.78
C LEU A 202 1.91 -13.56 4.51
N PRO A 203 2.67 -13.16 3.49
CA PRO A 203 3.92 -13.87 3.21
C PRO A 203 4.94 -13.73 4.36
N ASP A 204 5.77 -14.75 4.55
CA ASP A 204 6.77 -14.76 5.61
C ASP A 204 7.64 -13.50 5.71
N SER A 205 7.97 -12.92 4.56
CA SER A 205 8.81 -11.73 4.51
C SER A 205 8.22 -10.50 5.20
N PHE A 206 6.91 -10.50 5.45
CA PHE A 206 6.27 -9.38 6.12
C PHE A 206 6.75 -9.32 7.57
N SER A 207 6.65 -10.44 8.28
CA SER A 207 7.10 -10.50 9.66
C SER A 207 8.63 -10.58 9.77
N GLU A 208 9.25 -11.29 8.84
CA GLU A 208 10.70 -11.42 8.85
C GLU A 208 11.37 -10.06 8.65
N THR A 209 10.81 -9.25 7.76
CA THR A 209 11.37 -7.92 7.49
C THR A 209 11.01 -6.95 8.61
N TRP A 210 9.83 -7.11 9.17
CA TRP A 210 9.41 -6.23 10.25
C TRP A 210 10.28 -6.55 11.46
N LEU A 211 10.60 -7.82 11.63
CA LEU A 211 11.45 -8.26 12.73
C LEU A 211 12.81 -7.57 12.71
N ASN A 212 13.50 -7.64 11.56
CA ASN A 212 14.82 -7.02 11.40
C ASN A 212 14.73 -5.49 11.41
N ASP A 213 13.57 -4.98 11.01
CA ASP A 213 13.34 -3.54 10.98
C ASP A 213 12.95 -3.02 12.38
N SER A 214 12.39 -3.90 13.21
CA SER A 214 12.02 -3.52 14.58
C SER A 214 13.30 -3.41 15.41
N GLU A 215 14.28 -4.26 15.12
CA GLU A 215 15.53 -4.23 15.84
C GLU A 215 16.37 -3.06 15.31
N TRP A 216 16.27 -2.80 14.01
CA TRP A 216 17.01 -1.70 13.38
C TRP A 216 16.65 -0.39 14.03
N LEU A 217 15.36 -0.22 14.33
CA LEU A 217 14.86 1.00 14.96
C LEU A 217 15.33 1.12 16.41
N ARG A 218 15.06 0.09 17.22
CA ARG A 218 15.46 0.12 18.62
C ARG A 218 16.95 0.37 18.79
N GLU A 219 17.75 -0.04 17.81
CA GLU A 219 19.19 0.12 17.89
C GLU A 219 19.72 1.45 17.36
N LYS A 220 18.85 2.27 16.77
CA LYS A 220 19.29 3.57 16.26
C LYS A 220 19.05 4.64 17.34
N ILE A 221 18.15 4.34 18.27
CA ILE A 221 17.84 5.26 19.35
C ILE A 221 19.01 5.33 20.31
N GLN A 229 21.60 10.47 14.14
CA GLN A 229 20.92 9.82 13.04
C GLN A 229 19.64 9.11 13.50
N GLN A 230 18.73 9.86 14.13
CA GLN A 230 17.47 9.30 14.62
C GLN A 230 16.49 8.86 13.51
N PRO A 231 15.83 7.71 13.69
CA PRO A 231 14.87 7.15 12.72
C PRO A 231 13.59 7.97 12.65
N LEU A 232 12.82 7.76 11.57
CA LEU A 232 11.56 8.47 11.34
C LEU A 232 10.59 7.58 10.56
N VAL A 233 9.50 7.14 11.19
CA VAL A 233 8.51 6.30 10.52
C VAL A 233 7.27 7.11 10.15
N ILE A 234 7.02 7.25 8.85
CA ILE A 234 5.89 8.01 8.33
C ILE A 234 4.73 7.14 7.81
N VAL A 235 3.59 7.18 8.49
CA VAL A 235 2.41 6.40 8.12
C VAL A 235 1.46 7.23 7.24
N VAL A 236 1.23 6.78 6.00
CA VAL A 236 0.38 7.53 5.08
C VAL A 236 -0.74 6.78 4.37
N GLY A 237 -1.88 7.46 4.28
CA GLY A 237 -3.05 6.94 3.59
C GLY A 237 -3.66 5.61 3.96
N THR A 238 -3.72 5.30 5.24
CA THR A 238 -4.33 4.04 5.67
C THR A 238 -5.26 4.30 6.84
N SER A 239 -6.38 3.58 6.88
CA SER A 239 -7.32 3.76 7.97
C SER A 239 -6.97 2.78 9.09
N LEU A 240 -5.88 2.04 8.90
CA LEU A 240 -5.42 1.06 9.89
C LEU A 240 -6.61 0.27 10.44
N ALA A 241 -7.29 -0.46 9.57
CA ALA A 241 -8.45 -1.25 9.96
C ALA A 241 -8.29 -2.72 9.58
N VAL A 242 -7.16 -3.05 8.97
CA VAL A 242 -6.91 -4.43 8.56
C VAL A 242 -5.69 -4.99 9.28
N TYR A 243 -5.88 -6.14 9.93
CA TYR A 243 -4.79 -6.79 10.64
C TYR A 243 -4.26 -8.00 9.86
N PRO A 244 -3.01 -8.40 10.13
CA PRO A 244 -2.07 -7.82 11.10
C PRO A 244 -1.32 -6.54 10.68
N PHE A 245 -1.55 -6.05 9.47
CA PHE A 245 -0.87 -4.84 9.01
C PHE A 245 -0.95 -3.72 10.03
N ALA A 246 -2.15 -3.49 10.54
CA ALA A 246 -2.41 -2.42 11.49
C ALA A 246 -1.76 -2.57 12.87
N SER A 247 -0.86 -3.53 13.03
CA SER A 247 -0.21 -3.69 14.32
C SER A 247 1.15 -3.01 14.35
N LEU A 248 1.75 -2.81 13.18
CA LEU A 248 3.06 -2.18 13.09
C LEU A 248 3.20 -0.84 13.82
N PRO A 249 2.16 0.01 13.76
CA PRO A 249 2.25 1.30 14.44
C PRO A 249 2.40 1.25 15.96
N GLU A 250 1.60 0.44 16.64
CA GLU A 250 1.70 0.34 18.10
C GLU A 250 2.99 -0.39 18.47
N GLU A 251 3.54 -1.13 17.52
CA GLU A 251 4.76 -1.90 17.69
C GLU A 251 5.99 -1.07 17.33
N ILE A 252 5.80 0.23 17.18
CA ILE A 252 6.91 1.11 16.87
C ILE A 252 7.59 1.51 18.18
N PRO A 253 8.93 1.52 18.21
CA PRO A 253 9.65 1.89 19.43
C PRO A 253 9.10 3.19 20.02
N ARG A 254 8.60 3.12 21.25
CA ARG A 254 8.03 4.29 21.91
C ARG A 254 8.91 5.54 21.83
N LYS A 255 10.22 5.35 21.66
CA LYS A 255 11.13 6.48 21.56
C LYS A 255 11.46 6.89 20.13
N VAL A 256 10.72 6.33 19.16
CA VAL A 256 10.92 6.68 17.74
C VAL A 256 9.73 7.55 17.29
N LYS A 257 10.03 8.72 16.74
CA LYS A 257 8.97 9.63 16.32
C LYS A 257 8.05 9.07 15.25
N ARG A 258 6.74 9.22 15.47
CA ARG A 258 5.73 8.74 14.51
C ARG A 258 5.00 9.91 13.85
N VAL A 259 4.85 9.84 12.54
CA VAL A 259 4.14 10.88 11.79
C VAL A 259 2.94 10.20 11.12
N LEU A 260 1.83 10.93 10.99
CA LEU A 260 0.66 10.39 10.34
C LEU A 260 0.09 11.37 9.33
N CYS A 261 0.05 10.96 8.07
CA CYS A 261 -0.50 11.80 7.02
C CYS A 261 -1.78 11.14 6.55
N ASN A 262 -2.91 11.58 7.11
CA ASN A 262 -4.23 11.04 6.78
C ASN A 262 -5.28 12.15 6.85
N LEU A 263 -6.50 11.88 6.38
CA LEU A 263 -7.54 12.89 6.43
C LEU A 263 -8.20 12.89 7.82
N GLU A 264 -8.15 11.72 8.46
CA GLU A 264 -8.70 11.51 9.79
C GLU A 264 -7.60 10.89 10.66
N THR A 265 -7.62 11.15 11.96
CA THR A 265 -6.65 10.56 12.87
C THR A 265 -7.23 9.17 13.11
N VAL A 266 -6.48 8.13 12.78
CA VAL A 266 -7.00 6.78 12.94
C VAL A 266 -6.07 5.81 13.68
N GLY A 267 -6.57 4.60 13.90
CA GLY A 267 -5.82 3.55 14.56
C GLY A 267 -5.22 3.87 15.92
N ASP A 268 -3.96 3.47 16.10
CA ASP A 268 -3.25 3.68 17.34
C ASP A 268 -2.99 5.16 17.62
N PHE A 269 -3.07 6.01 16.60
CA PHE A 269 -2.86 7.44 16.79
C PHE A 269 -4.07 8.06 17.51
N LYS A 270 -5.19 7.35 17.46
CA LYS A 270 -6.42 7.80 18.09
C LYS A 270 -6.63 7.06 19.40
N ALA A 271 -6.14 5.82 19.46
CA ALA A 271 -6.26 4.99 20.65
C ALA A 271 -5.32 5.37 21.78
N ASN A 272 -4.02 5.44 21.48
CA ASN A 272 -3.01 5.77 22.49
C ASN A 272 -1.99 6.77 21.96
N LYS A 273 -2.44 7.99 21.72
CA LYS A 273 -1.55 9.01 21.21
C LYS A 273 -0.29 9.16 22.06
N ARG A 274 0.84 9.33 21.38
CA ARG A 274 2.13 9.49 22.05
C ARG A 274 2.55 10.95 22.01
N PRO A 275 3.09 11.45 23.13
CA PRO A 275 3.55 12.84 23.24
C PRO A 275 4.27 13.39 22.00
N THR A 276 5.15 12.57 21.43
CA THR A 276 5.94 12.98 20.26
C THR A 276 5.28 12.84 18.90
N ASP A 277 4.02 12.39 18.88
CA ASP A 277 3.30 12.22 17.63
C ASP A 277 3.03 13.52 16.85
N LEU A 278 3.20 13.44 15.54
CA LEU A 278 2.94 14.57 14.65
C LEU A 278 1.85 14.12 13.70
N ILE A 279 0.70 14.79 13.75
CA ILE A 279 -0.43 14.44 12.90
C ILE A 279 -0.69 15.50 11.85
N VAL A 280 -0.64 15.10 10.58
CA VAL A 280 -0.86 16.03 9.48
C VAL A 280 -2.10 15.64 8.65
N HIS A 281 -3.18 16.41 8.83
CA HIS A 281 -4.41 16.15 8.09
C HIS A 281 -4.24 16.79 6.72
N GLN A 282 -3.78 15.99 5.76
CA GLN A 282 -3.55 16.49 4.40
C GLN A 282 -3.65 15.36 3.38
N TYR A 283 -3.82 15.69 2.10
CA TYR A 283 -3.90 14.69 1.03
C TYR A 283 -2.46 14.23 0.84
N SER A 284 -2.27 12.96 0.50
CA SER A 284 -0.91 12.45 0.30
C SER A 284 -0.14 13.19 -0.81
N ASP A 285 -0.82 13.68 -1.85
CA ASP A 285 -0.11 14.40 -2.92
C ASP A 285 0.25 15.82 -2.51
N GLU A 286 -0.60 16.45 -1.69
CA GLU A 286 -0.33 17.81 -1.26
C GLU A 286 0.77 17.76 -0.21
N PHE A 287 0.78 16.66 0.55
CA PHE A 287 1.76 16.42 1.60
C PHE A 287 3.14 16.31 0.96
N ALA A 288 3.19 15.58 -0.16
CA ALA A 288 4.42 15.36 -0.91
C ALA A 288 4.96 16.66 -1.49
N GLU A 289 4.06 17.51 -1.93
CA GLU A 289 4.42 18.79 -2.52
C GLU A 289 5.11 19.66 -1.48
N GLN A 290 4.59 19.64 -0.26
CA GLN A 290 5.13 20.43 0.82
C GLN A 290 6.45 19.92 1.35
N LEU A 291 6.55 18.60 1.54
CA LEU A 291 7.78 18.02 2.04
C LEU A 291 8.95 18.30 1.11
N VAL A 292 8.76 18.08 -0.18
CA VAL A 292 9.82 18.31 -1.18
C VAL A 292 10.22 19.78 -1.25
N GLU A 293 9.38 20.64 -0.67
CA GLU A 293 9.64 22.07 -0.64
C GLU A 293 10.47 22.37 0.60
N GLU A 294 10.00 21.89 1.74
CA GLU A 294 10.73 22.11 2.98
C GLU A 294 12.07 21.37 2.96
N LEU A 295 12.23 20.43 2.04
CA LEU A 295 13.47 19.68 1.94
C LEU A 295 14.42 20.36 0.96
N GLY A 296 13.84 21.12 0.04
CA GLY A 296 14.63 21.80 -0.95
C GLY A 296 15.05 20.88 -2.07
N TRP A 297 14.28 19.83 -2.32
CA TRP A 297 14.60 18.87 -3.37
C TRP A 297 13.77 19.04 -4.65
N GLN A 298 13.14 20.21 -4.79
CA GLN A 298 12.32 20.49 -5.96
C GLN A 298 13.08 20.18 -7.25
N GLU A 299 14.39 20.42 -7.23
CA GLU A 299 15.22 20.17 -8.39
C GLU A 299 15.19 18.73 -8.87
N ASP A 300 15.60 17.80 -8.02
CA ASP A 300 15.60 16.39 -8.39
C ASP A 300 14.18 15.85 -8.58
N PHE A 301 13.23 16.46 -7.86
CA PHE A 301 11.83 16.05 -7.95
C PHE A 301 11.28 16.32 -9.34
N GLU A 302 11.30 17.58 -9.75
CA GLU A 302 10.81 17.97 -11.07
C GLU A 302 11.36 17.02 -12.13
N LYS A 303 12.65 16.70 -12.05
CA LYS A 303 13.30 15.80 -13.01
C LYS A 303 12.56 14.47 -13.08
N ILE A 304 12.46 13.82 -11.93
CA ILE A 304 11.78 12.54 -11.83
C ILE A 304 10.38 12.62 -12.41
N LEU A 305 9.62 13.63 -11.98
CA LEU A 305 8.25 13.82 -12.47
C LEU A 305 8.13 14.01 -13.97
N THR A 306 9.16 14.54 -14.60
CA THR A 306 9.11 14.78 -16.05
C THR A 306 9.74 13.67 -16.89
N ALA A 307 9.80 12.47 -16.32
CA ALA A 307 10.39 11.35 -17.03
C ALA A 307 9.56 10.07 -16.87
N LYS B 1 2.66 -14.54 14.35
CA LYS B 1 3.07 -13.99 13.03
C LYS B 1 2.12 -12.87 12.64
N GLY B 2 0.99 -12.78 13.36
CA GLY B 2 0.02 -11.75 13.08
C GLY B 2 -1.36 -12.28 12.81
N GLY B 3 -1.47 -13.60 12.68
CA GLY B 3 -2.75 -14.21 12.41
C GLY B 3 -3.06 -14.14 10.92
N ALA B 4 -4.34 -14.18 10.58
CA ALA B 4 -4.77 -14.13 9.19
C ALA B 4 -5.39 -12.78 8.86
N ARG B 6 -7.48 -9.91 8.53
CA ARG B 6 -8.82 -9.70 9.07
C ARG B 6 -9.09 -8.28 9.55
N HIS B 7 -10.16 -8.15 10.34
CA HIS B 7 -10.59 -6.89 10.94
C HIS B 7 -10.65 -7.13 12.45
N ARG B 8 -10.15 -6.18 13.23
CA ARG B 8 -10.15 -6.26 14.70
C ARG B 8 -9.10 -7.23 15.23
#